data_3FPX
#
_entry.id   3FPX
#
_cell.length_a   52.293
_cell.length_b   76.345
_cell.length_c   129.661
_cell.angle_alpha   90.000
_cell.angle_beta   90.000
_cell.angle_gamma   90.000
#
_symmetry.space_group_name_H-M   'P 21 21 21'
#
loop_
_entity.id
_entity.type
_entity.pdbx_description
1 polymer Laccase
2 branched alpha-D-mannopyranose-(1-3)-alpha-D-mannopyranose-(1-6)-[alpha-D-mannopyranose-(1-3)]beta-D-mannopyranose-(1-4)-2-acetamido-2-deoxy-beta-D-glucopyranose-(1-4)-2-acetamido-2-deoxy-beta-D-glucopyranose
3 branched alpha-D-mannopyranose-(1-3)-beta-D-mannopyranose-(1-4)-2-acetamido-2-deoxy-beta-D-glucopyranose-(1-4)-2-acetamido-2-deoxy-beta-D-glucopyranose
4 branched 2-acetamido-2-deoxy-beta-D-glucopyranose-(1-4)-2-acetamido-2-deoxy-beta-D-glucopyranose
5 non-polymer 'COPPER (II) ION'
6 non-polymer 2-acetamido-2-deoxy-beta-D-glucopyranose
7 non-polymer 'PHOSPHATE ION'
8 water water
#
_entity_poly.entity_id   1
_entity_poly.type   'polypeptide(L)'
_entity_poly.pdbx_seq_one_letter_code
;AVGPVADLTITDAAVSPDGFSRQAVVVNGVTPGPLVAGNIGDRFQLNVIDNLTNHTMLKSTSIHWHGFFQHGTNWADGPA
FINQCPISPGHSFLYDFQVPDQAGTFWYHSHLSTQYCDGLRGPFVVYDPNDPHASRYDVDNDDTVITLADWYHTAAKLGP
RFPGGADATLINGKGRAPSDSVAELSVIKVTKGKRYRFRLVSLSCNPNHTFSIDGHNLTIIEVDSVNSQPLEVDSIQIFA
AQRYSFVLDANQAVDNYWIRANPNFGNVGFDGGINSAILRYDGAPAVEPTTNQTTSVKPLNEVDLHPLVSTPVPGSPSSG
GVDKAINMAFNFNGSNFFINGASFVPPTVPVLLQILSGAQTAQDLLPSGSVYVLPSNASIEISFPATAAAPGAPHPFHLH
GHTFAVVRSAGSTVYNYDNPIFRDVVSTGTPAAGDNVTIRFDTNNPGPWFLHCHIDFHLEGGFAVVMAEDTPDVKAVNPV
PQAWSDLCPTYDALDPNDQ
;
_entity_poly.pdbx_strand_id   A
#
# COMPACT_ATOMS: atom_id res chain seq x y z
N ALA A 1 9.30 -4.11 17.29
CA ALA A 1 8.27 -4.76 16.40
C ALA A 1 7.44 -5.78 17.18
N VAL A 2 6.18 -5.93 16.77
CA VAL A 2 5.31 -6.95 17.30
C VAL A 2 5.12 -7.99 16.23
N GLY A 3 4.60 -9.13 16.65
CA GLY A 3 4.26 -10.21 15.72
C GLY A 3 5.40 -11.20 15.79
N PRO A 4 5.26 -12.34 15.08
CA PRO A 4 4.11 -12.68 14.22
C PRO A 4 2.78 -12.99 14.92
N VAL A 5 2.83 -13.30 16.19
CA VAL A 5 1.65 -13.60 17.00
C VAL A 5 1.49 -12.38 17.93
N ALA A 6 0.39 -11.64 17.75
CA ALA A 6 0.25 -10.39 18.52
C ALA A 6 -1.16 -9.89 18.59
N ASP A 7 -1.44 -9.11 19.62
CA ASP A 7 -2.68 -8.37 19.69
C ASP A 7 -2.45 -7.03 19.04
N LEU A 8 -3.41 -6.58 18.21
CA LEU A 8 -3.44 -5.23 17.74
C LEU A 8 -4.73 -4.49 18.18
N THR A 9 -4.62 -3.59 19.15
CA THR A 9 -5.80 -2.97 19.72
C THR A 9 -6.06 -1.65 18.94
N ILE A 10 -7.23 -1.54 18.36
CA ILE A 10 -7.62 -0.37 17.59
C ILE A 10 -8.50 0.53 18.45
N THR A 11 -8.06 1.77 18.60
CA THR A 11 -8.82 2.76 19.37
C THR A 11 -8.78 4.13 18.69
N ASP A 12 -9.61 5.05 19.15
CA ASP A 12 -9.52 6.46 18.82
C ASP A 12 -8.67 7.17 19.86
N ALA A 13 -7.74 8.01 19.42
CA ALA A 13 -6.99 8.84 20.36
C ALA A 13 -6.70 10.25 19.81
N ALA A 14 -6.42 11.19 20.69
CA ALA A 14 -5.80 12.43 20.29
C ALA A 14 -4.33 12.25 19.93
N VAL A 15 -3.94 12.64 18.72
CA VAL A 15 -2.54 12.65 18.32
C VAL A 15 -2.17 14.06 17.75
N SER A 16 -0.89 14.36 17.67
CA SER A 16 -0.42 15.66 17.18
C SER A 16 0.96 15.41 16.52
N PRO A 17 0.93 14.72 15.38
CA PRO A 17 2.18 14.43 14.69
C PRO A 17 2.91 15.65 14.12
N ASP A 18 2.15 16.70 13.83
CA ASP A 18 2.70 17.94 13.24
C ASP A 18 2.40 19.14 14.18
N GLY A 19 2.22 18.81 15.45
CA GLY A 19 1.85 19.79 16.49
C GLY A 19 0.38 20.18 16.58
N PHE A 20 -0.44 19.81 15.62
CA PHE A 20 -1.88 20.14 15.62
C PHE A 20 -2.60 18.96 16.24
N SER A 21 -3.46 19.18 17.23
CA SER A 21 -4.07 18.03 17.86
C SER A 21 -5.36 17.66 17.15
N ARG A 22 -5.53 16.36 16.88
CA ARG A 22 -6.79 15.80 16.36
C ARG A 22 -7.01 14.36 16.79
N GLN A 23 -8.25 13.98 16.82
CA GLN A 23 -8.69 12.60 17.02
C GLN A 23 -8.36 11.85 15.75
N ALA A 24 -7.72 10.69 15.96
CA ALA A 24 -7.33 9.75 14.93
C ALA A 24 -7.60 8.31 15.39
N VAL A 25 -7.52 7.41 14.43
CA VAL A 25 -7.62 5.96 14.67
C VAL A 25 -6.22 5.49 14.88
N VAL A 26 -5.94 4.89 16.04
CA VAL A 26 -4.55 4.46 16.38
C VAL A 26 -4.49 2.97 16.66
N VAL A 27 -3.28 2.40 16.60
CA VAL A 27 -3.07 0.98 16.76
C VAL A 27 -2.12 0.83 17.92
N ASN A 28 -2.50 0.08 18.95
CA ASN A 28 -1.71 0.05 20.19
C ASN A 28 -1.21 1.44 20.63
N GLY A 29 -2.12 2.40 20.59
CA GLY A 29 -1.86 3.75 21.04
C GLY A 29 -1.26 4.71 20.06
N VAL A 30 -0.78 4.23 18.91
CA VAL A 30 0.01 5.11 18.05
C VAL A 30 -0.47 5.11 16.58
N THR A 31 -0.15 6.18 15.88
CA THR A 31 -0.23 6.17 14.41
C THR A 31 0.94 6.93 13.83
N PRO A 32 1.60 6.39 12.79
CA PRO A 32 1.42 5.10 12.20
C PRO A 32 1.50 4.06 13.27
N GLY A 33 0.88 2.93 13.03
CA GLY A 33 0.83 1.90 13.99
C GLY A 33 2.19 1.25 14.05
N PRO A 34 2.36 0.33 15.01
CA PRO A 34 3.68 -0.31 15.21
C PRO A 34 4.10 -1.21 14.07
N LEU A 35 5.41 -1.39 13.91
CA LEU A 35 5.91 -2.38 12.99
C LEU A 35 5.54 -3.81 13.39
N VAL A 36 4.89 -4.52 12.46
CA VAL A 36 4.64 -5.94 12.60
C VAL A 36 5.72 -6.60 11.81
N ALA A 37 6.34 -7.64 12.35
CA ALA A 37 7.43 -8.35 11.66
C ALA A 37 7.39 -9.83 11.89
N GLY A 38 8.00 -10.55 10.94
CA GLY A 38 8.16 -12.00 11.04
C GLY A 38 9.28 -12.40 10.11
N ASN A 39 9.44 -13.71 9.93
CA ASN A 39 10.34 -14.26 8.93
C ASN A 39 9.57 -15.03 7.90
N ILE A 40 10.11 -15.13 6.69
CA ILE A 40 9.57 -16.02 5.67
C ILE A 40 9.29 -17.41 6.28
N GLY A 41 8.14 -17.96 5.95
CA GLY A 41 7.68 -19.21 6.53
C GLY A 41 6.74 -19.10 7.71
N ASP A 42 6.74 -17.98 8.42
CA ASP A 42 5.92 -17.80 9.60
C ASP A 42 4.43 -17.89 9.36
N ARG A 43 3.76 -18.39 10.40
CA ARG A 43 2.36 -18.19 10.67
C ARG A 43 2.10 -16.96 11.52
N PHE A 44 1.29 -16.06 10.98
CA PHE A 44 0.86 -14.86 11.72
C PHE A 44 -0.53 -15.08 12.29
N GLN A 45 -0.68 -14.62 13.53
CA GLN A 45 -1.91 -14.70 14.27
C GLN A 45 -2.00 -13.36 14.86
N LEU A 46 -2.72 -12.48 14.14
CA LEU A 46 -2.78 -11.11 14.54
C LEU A 46 -4.17 -10.84 15.02
N ASN A 47 -4.31 -10.69 16.34
CA ASN A 47 -5.62 -10.55 16.99
C ASN A 47 -6.01 -9.08 17.02
N VAL A 48 -6.94 -8.72 16.13
CA VAL A 48 -7.31 -7.31 15.99
C VAL A 48 -8.46 -7.00 16.93
N ILE A 49 -8.21 -6.11 17.90
CA ILE A 49 -9.21 -5.85 18.93
C ILE A 49 -9.82 -4.50 18.68
N ASP A 50 -11.08 -4.51 18.25
CA ASP A 50 -11.74 -3.27 17.90
C ASP A 50 -12.37 -2.65 19.17
N ASN A 51 -11.71 -1.62 19.66
CA ASN A 51 -12.15 -0.82 20.78
C ASN A 51 -12.36 0.63 20.38
N LEU A 52 -12.87 0.80 19.15
CA LEU A 52 -13.21 2.10 18.61
C LEU A 52 -14.54 2.57 19.19
N THR A 53 -14.60 3.87 19.43
CA THR A 53 -15.77 4.51 20.00
C THR A 53 -16.27 5.70 19.18
N ASN A 54 -15.63 6.02 18.06
CA ASN A 54 -15.98 7.23 17.29
C ASN A 54 -16.66 6.85 15.99
N HIS A 55 -17.95 7.12 15.83
CA HIS A 55 -18.61 6.81 14.58
C HIS A 55 -18.14 7.61 13.34
N THR A 56 -17.68 8.83 13.50
CA THR A 56 -17.23 9.63 12.34
C THR A 56 -16.03 9.04 11.60
N MET A 57 -15.18 8.35 12.36
CA MET A 57 -14.02 7.64 11.83
C MET A 57 -14.27 6.14 11.75
N LEU A 58 -15.53 5.76 12.01
CA LEU A 58 -16.10 4.41 11.92
C LEU A 58 -15.72 3.58 13.11
N LYS A 59 -16.71 3.04 13.81
CA LYS A 59 -16.44 2.20 14.99
C LYS A 59 -16.17 0.75 14.61
N SER A 60 -16.57 0.35 13.40
CA SER A 60 -16.24 -0.96 12.83
C SER A 60 -14.87 -0.83 12.12
N THR A 61 -14.21 -1.96 11.79
CA THR A 61 -12.91 -1.96 11.12
C THR A 61 -12.59 -3.30 10.47
N SER A 62 -11.63 -3.26 9.55
CA SER A 62 -11.17 -4.42 8.91
C SER A 62 -9.75 -4.17 8.44
N ILE A 63 -8.84 -5.13 8.65
CA ILE A 63 -7.43 -4.93 8.27
C ILE A 63 -6.97 -5.78 7.16
N HIS A 64 -6.33 -5.11 6.18
CA HIS A 64 -5.65 -5.74 5.08
C HIS A 64 -4.14 -5.73 5.33
N TRP A 65 -3.52 -6.83 4.94
CA TRP A 65 -2.11 -7.10 5.07
C TRP A 65 -1.51 -6.98 3.63
N HIS A 66 -1.06 -5.77 3.31
CA HIS A 66 -0.91 -5.37 1.98
C HIS A 66 0.32 -6.00 1.36
N GLY A 67 0.06 -6.77 0.31
CA GLY A 67 1.09 -7.46 -0.51
C GLY A 67 1.17 -8.99 -0.32
N PHE A 68 0.42 -9.52 0.64
CA PHE A 68 0.49 -10.94 0.96
C PHE A 68 -0.47 -11.72 0.11
N PHE A 69 -0.01 -12.84 -0.40
CA PHE A 69 -0.83 -13.66 -1.30
C PHE A 69 -2.02 -14.27 -0.64
N GLN A 70 -1.89 -14.63 0.63
CA GLN A 70 -3.02 -15.19 1.40
C GLN A 70 -3.64 -16.42 0.73
N HIS A 71 -2.78 -17.29 0.20
CA HIS A 71 -3.21 -18.48 -0.47
C HIS A 71 -3.86 -19.48 0.50
N GLY A 72 -5.13 -19.76 0.27
CA GLY A 72 -5.90 -20.62 1.14
C GLY A 72 -6.44 -19.90 2.35
N THR A 73 -6.09 -18.64 2.48
CA THR A 73 -6.66 -17.83 3.56
C THR A 73 -7.27 -16.50 3.01
N ASN A 74 -8.03 -16.61 1.92
CA ASN A 74 -8.61 -15.43 1.28
C ASN A 74 -9.52 -14.65 2.24
N TRP A 75 -10.12 -15.41 3.17
CA TRP A 75 -10.94 -14.85 4.25
C TRP A 75 -10.26 -13.83 5.16
N ALA A 76 -8.94 -13.84 5.17
CA ALA A 76 -8.13 -12.98 6.01
C ALA A 76 -7.58 -11.71 5.31
N ASP A 77 -7.93 -11.55 4.05
CA ASP A 77 -7.31 -10.51 3.23
C ASP A 77 -7.71 -9.10 3.67
N GLY A 78 -8.90 -8.91 4.24
CA GLY A 78 -9.27 -7.59 4.78
C GLY A 78 -10.34 -6.74 4.06
N PRO A 79 -10.30 -6.62 2.74
CA PRO A 79 -11.32 -5.66 2.15
C PRO A 79 -12.79 -5.91 2.59
N ALA A 80 -13.41 -4.83 3.07
CA ALA A 80 -14.77 -4.89 3.61
C ALA A 80 -15.75 -5.20 2.44
N PHE A 81 -16.58 -6.18 2.70
CA PHE A 81 -17.58 -6.70 1.72
C PHE A 81 -17.00 -7.39 0.48
N ILE A 82 -15.67 -7.59 0.44
CA ILE A 82 -15.11 -8.49 -0.54
C ILE A 82 -14.71 -9.80 0.14
N ASN A 83 -13.92 -9.68 1.21
CA ASN A 83 -13.36 -10.85 1.89
C ASN A 83 -13.92 -11.09 3.30
N GLN A 84 -14.59 -10.09 3.90
CA GLN A 84 -15.28 -10.20 5.22
C GLN A 84 -16.25 -9.05 5.44
N CYS A 85 -17.17 -9.22 6.39
CA CYS A 85 -17.80 -8.07 7.00
C CYS A 85 -16.83 -7.46 7.99
N PRO A 86 -16.93 -6.15 8.22
CA PRO A 86 -16.08 -5.54 9.22
C PRO A 86 -16.21 -6.21 10.56
N ILE A 87 -15.11 -6.14 11.32
CA ILE A 87 -15.11 -6.35 12.76
C ILE A 87 -15.99 -5.27 13.38
N SER A 88 -16.84 -5.64 14.33
CA SER A 88 -17.66 -4.69 15.04
C SER A 88 -17.02 -4.19 16.35
N PRO A 89 -17.41 -2.98 16.78
CA PRO A 89 -16.81 -2.36 17.96
C PRO A 89 -17.03 -3.30 19.14
N GLY A 90 -16.07 -3.40 20.04
CA GLY A 90 -16.22 -4.28 21.18
C GLY A 90 -15.93 -5.73 20.87
N HIS A 91 -15.56 -6.05 19.65
CA HIS A 91 -15.24 -7.41 19.32
C HIS A 91 -13.81 -7.48 18.90
N SER A 92 -13.29 -8.69 18.83
CA SER A 92 -11.95 -8.96 18.28
C SER A 92 -12.04 -10.00 17.20
N PHE A 93 -11.08 -9.98 16.27
CA PHE A 93 -11.02 -11.01 15.27
C PHE A 93 -9.59 -11.39 14.92
N LEU A 94 -9.36 -12.70 14.80
CA LEU A 94 -8.03 -13.22 14.53
C LEU A 94 -7.75 -13.46 13.07
N TYR A 95 -6.82 -12.68 12.51
CA TYR A 95 -6.31 -12.95 11.21
C TYR A 95 -5.19 -13.95 11.40
N ASP A 96 -5.32 -15.07 10.73
CA ASP A 96 -4.44 -16.20 10.94
C ASP A 96 -4.03 -16.74 9.58
N PHE A 97 -2.79 -16.45 9.19
CA PHE A 97 -2.29 -16.79 7.87
C PHE A 97 -0.76 -17.11 7.84
N GLN A 98 -0.33 -17.73 6.76
CA GLN A 98 1.08 -18.05 6.60
C GLN A 98 1.65 -17.29 5.42
N VAL A 99 2.97 -17.09 5.48
CA VAL A 99 3.70 -16.35 4.48
C VAL A 99 4.86 -17.25 4.09
N PRO A 100 4.55 -18.35 3.40
CA PRO A 100 5.56 -19.39 3.12
C PRO A 100 6.57 -18.98 2.05
N ASP A 101 6.19 -18.05 1.18
CA ASP A 101 6.90 -17.88 -0.07
C ASP A 101 7.13 -16.45 -0.47
N GLN A 102 7.13 -15.56 0.52
CA GLN A 102 7.40 -14.15 0.30
C GLN A 102 8.33 -13.58 1.38
N ALA A 103 9.11 -12.56 1.02
CA ALA A 103 9.79 -11.72 2.02
C ALA A 103 10.02 -10.34 1.46
N GLY A 104 10.10 -9.35 2.31
CA GLY A 104 10.31 -7.99 1.88
C GLY A 104 9.54 -7.06 2.75
N THR A 105 9.14 -5.95 2.16
CA THR A 105 8.60 -4.83 2.87
C THR A 105 7.10 -4.72 2.48
N PHE A 106 6.27 -4.74 3.50
CA PHE A 106 4.81 -4.68 3.35
C PHE A 106 4.27 -3.60 4.25
N TRP A 107 2.94 -3.56 4.37
CA TRP A 107 2.25 -2.69 5.36
C TRP A 107 0.87 -3.19 5.63
N TYR A 108 0.21 -2.61 6.63
CA TYR A 108 -1.09 -3.06 6.98
C TYR A 108 -1.94 -1.83 7.10
N HIS A 109 -3.21 -1.97 6.78
CA HIS A 109 -4.05 -0.80 6.84
C HIS A 109 -5.54 -1.13 6.92
N SER A 110 -6.39 -0.21 7.42
CA SER A 110 -7.79 -0.50 7.38
C SER A 110 -8.23 -0.59 5.91
N HIS A 111 -9.18 -1.44 5.65
CA HIS A 111 -9.75 -1.65 4.31
C HIS A 111 -11.25 -1.51 4.42
N LEU A 112 -11.65 -0.51 5.22
CA LEU A 112 -13.04 -0.16 5.38
C LEU A 112 -13.12 1.37 5.11
N SER A 113 -13.84 1.69 4.04
CA SER A 113 -14.03 3.08 3.65
C SER A 113 -12.68 3.80 3.57
N THR A 114 -12.59 5.02 4.10
CA THR A 114 -11.34 5.76 4.07
C THR A 114 -10.68 5.84 5.46
N GLN A 115 -10.98 4.84 6.29
CA GLN A 115 -10.49 4.78 7.63
C GLN A 115 -8.96 4.69 7.75
N TYR A 116 -8.24 4.14 6.78
CA TYR A 116 -6.77 4.18 6.93
C TYR A 116 -6.27 5.63 6.90
N CYS A 117 -6.95 6.48 6.16
CA CYS A 117 -6.56 7.88 6.09
C CYS A 117 -6.65 8.59 7.44
N ASP A 118 -7.57 8.12 8.29
CA ASP A 118 -7.72 8.60 9.66
C ASP A 118 -6.70 7.99 10.66
N GLY A 119 -5.83 7.12 10.18
CA GLY A 119 -4.72 6.69 11.02
C GLY A 119 -4.46 5.21 11.13
N LEU A 120 -5.38 4.37 10.67
CA LEU A 120 -5.17 2.90 10.85
C LEU A 120 -4.30 2.40 9.72
N ARG A 121 -3.01 2.47 9.96
CA ARG A 121 -2.03 2.10 8.98
C ARG A 121 -0.66 1.97 9.62
N GLY A 122 0.10 0.95 9.20
CA GLY A 122 1.50 0.82 9.72
C GLY A 122 2.34 -0.10 8.90
N PRO A 123 3.65 -0.14 9.17
CA PRO A 123 4.56 -0.95 8.41
C PRO A 123 4.55 -2.40 8.86
N PHE A 124 4.93 -3.28 7.94
CA PHE A 124 4.90 -4.73 8.13
C PHE A 124 6.10 -5.31 7.34
N VAL A 125 7.05 -5.97 8.04
CA VAL A 125 8.24 -6.50 7.38
C VAL A 125 8.40 -8.00 7.58
N VAL A 126 8.67 -8.71 6.50
CA VAL A 126 8.97 -10.11 6.57
C VAL A 126 10.45 -10.29 6.13
N TYR A 127 11.25 -10.72 7.10
CA TYR A 127 12.70 -10.86 6.90
C TYR A 127 13.00 -12.18 6.25
N ASP A 128 14.12 -12.21 5.51
CA ASP A 128 14.66 -13.43 4.88
C ASP A 128 16.05 -13.73 5.50
N PRO A 129 16.15 -14.80 6.29
CA PRO A 129 17.49 -15.13 6.88
C PRO A 129 18.45 -15.57 5.79
N ASN A 130 17.96 -15.79 4.58
CA ASN A 130 18.84 -16.02 3.44
C ASN A 130 18.69 -14.95 2.37
N ASP A 131 18.49 -13.71 2.78
CA ASP A 131 18.26 -12.61 1.84
C ASP A 131 19.44 -12.50 0.89
N PRO A 132 19.21 -12.68 -0.42
CA PRO A 132 20.29 -12.59 -1.40
C PRO A 132 21.00 -11.26 -1.46
N HIS A 133 20.48 -10.25 -0.76
CA HIS A 133 21.06 -8.92 -0.81
C HIS A 133 21.84 -8.64 0.48
N ALA A 134 21.92 -9.64 1.37
CA ALA A 134 22.49 -9.43 2.73
C ALA A 134 23.93 -8.90 2.73
N SER A 135 24.68 -9.22 1.68
CA SER A 135 26.06 -8.71 1.55
C SER A 135 26.15 -7.17 1.34
N ARG A 136 25.05 -6.50 0.97
CA ARG A 136 25.05 -5.07 0.70
C ARG A 136 24.90 -4.13 1.88
N TYR A 137 24.53 -4.63 3.05
CA TYR A 137 24.30 -3.71 4.16
C TYR A 137 24.68 -4.36 5.46
N ASP A 138 24.86 -3.55 6.48
CA ASP A 138 25.16 -4.00 7.84
C ASP A 138 23.99 -3.92 8.77
N VAL A 139 23.07 -2.98 8.54
CA VAL A 139 22.03 -2.66 9.52
C VAL A 139 20.65 -2.81 8.84
N ASP A 140 19.77 -3.59 9.47
CA ASP A 140 18.37 -3.71 9.00
C ASP A 140 17.51 -4.00 10.21
N ASN A 141 16.70 -3.04 10.65
CA ASN A 141 15.95 -3.15 11.89
C ASN A 141 14.76 -2.18 11.99
N ASP A 142 14.14 -2.11 13.18
CA ASP A 142 12.97 -1.27 13.42
C ASP A 142 13.28 0.17 13.02
N ASP A 143 14.51 0.61 13.24
CA ASP A 143 14.88 1.99 13.01
C ASP A 143 15.30 2.29 11.58
N THR A 144 15.40 1.27 10.73
CA THR A 144 15.65 1.53 9.31
C THR A 144 14.37 1.43 8.44
N VAL A 145 13.22 1.26 9.09
CA VAL A 145 11.95 1.40 8.39
C VAL A 145 11.62 2.90 8.31
N ILE A 146 11.32 3.37 7.10
CA ILE A 146 10.97 4.76 6.93
C ILE A 146 9.54 4.82 6.40
N THR A 147 8.65 5.40 7.18
CA THR A 147 7.27 5.57 6.69
C THR A 147 7.01 6.97 6.14
N LEU A 148 6.26 7.00 5.05
CA LEU A 148 5.66 8.24 4.54
C LEU A 148 4.16 8.17 4.68
N ALA A 149 3.58 9.25 5.18
CA ALA A 149 2.15 9.32 5.35
C ALA A 149 1.70 10.74 5.09
N ASP A 150 0.60 10.90 4.37
CA ASP A 150 -0.11 12.18 4.27
C ASP A 150 -0.99 12.34 5.51
N TRP A 151 -0.97 13.54 6.06
CA TRP A 151 -1.72 13.86 7.25
C TRP A 151 -2.64 15.07 7.03
N TYR A 152 -3.89 14.91 7.45
CA TYR A 152 -4.95 15.90 7.23
C TYR A 152 -5.43 16.40 8.58
N HIS A 153 -5.66 17.70 8.68
CA HIS A 153 -6.27 18.26 9.91
C HIS A 153 -7.77 18.09 10.04
N THR A 154 -8.47 17.82 8.93
CA THR A 154 -9.84 17.45 8.95
C THR A 154 -9.95 15.97 8.63
N ALA A 155 -10.84 15.29 9.35
CA ALA A 155 -11.05 13.85 9.16
C ALA A 155 -11.63 13.53 7.78
N ALA A 156 -11.43 12.27 7.39
CA ALA A 156 -11.80 11.78 6.06
C ALA A 156 -13.25 12.05 5.72
N LYS A 157 -14.16 11.88 6.68
CA LYS A 157 -15.56 12.00 6.39
C LYS A 157 -16.05 13.46 6.51
N LEU A 158 -15.18 14.35 7.00
CA LEU A 158 -15.53 15.73 7.35
C LEU A 158 -15.01 16.77 6.36
N GLY A 159 -14.02 16.40 5.56
CA GLY A 159 -13.46 17.33 4.61
C GLY A 159 -14.00 17.11 3.23
N PRO A 160 -13.35 17.73 2.25
CA PRO A 160 -13.84 17.50 0.89
C PRO A 160 -13.82 16.00 0.54
N ARG A 161 -14.73 15.59 -0.33
CA ARG A 161 -14.71 14.21 -0.87
C ARG A 161 -13.30 13.85 -1.43
N PHE A 162 -12.67 14.79 -2.17
CA PHE A 162 -11.38 14.54 -2.81
C PHE A 162 -10.44 15.66 -2.41
N PRO A 163 -9.83 15.56 -1.24
CA PRO A 163 -8.94 16.63 -0.74
C PRO A 163 -7.88 17.12 -1.75
N GLY A 164 -7.56 18.40 -1.72
CA GLY A 164 -6.48 18.94 -2.58
C GLY A 164 -5.07 18.80 -2.02
N GLY A 165 -4.81 17.77 -1.23
CA GLY A 165 -3.47 17.57 -0.64
C GLY A 165 -3.50 17.61 0.88
N ALA A 166 -2.40 17.21 1.50
CA ALA A 166 -2.34 17.03 2.93
C ALA A 166 -1.91 18.33 3.57
N ASP A 167 -2.20 18.44 4.87
CA ASP A 167 -1.67 19.52 5.68
C ASP A 167 -0.20 19.34 5.91
N ALA A 168 0.22 18.10 6.07
CA ALA A 168 1.61 17.76 6.43
C ALA A 168 2.00 16.37 5.87
N THR A 169 3.20 16.25 5.38
CA THR A 169 3.77 14.95 5.07
C THR A 169 4.45 14.52 6.36
N LEU A 170 4.08 13.34 6.84
CA LEU A 170 4.79 12.76 7.96
C LEU A 170 5.82 11.75 7.52
N ILE A 171 7.00 11.84 8.13
CA ILE A 171 8.07 10.86 7.89
C ILE A 171 8.35 10.19 9.26
N ASN A 172 8.27 8.86 9.33
CA ASN A 172 8.21 8.20 10.62
C ASN A 172 7.33 8.88 11.64
N GLY A 173 6.15 9.32 11.18
CA GLY A 173 5.11 9.76 12.08
C GLY A 173 5.18 11.20 12.55
N LYS A 174 6.20 11.96 12.09
CA LYS A 174 6.31 13.41 12.41
C LYS A 174 6.59 14.25 11.15
N GLY A 175 6.19 15.49 11.19
CA GLY A 175 6.48 16.43 10.10
C GLY A 175 5.86 17.75 10.43
N ARG A 176 6.09 18.76 9.56
CA ARG A 176 5.55 20.11 9.74
C ARG A 176 4.44 20.49 8.77
N ALA A 177 3.38 21.10 9.27
CA ALA A 177 2.45 21.83 8.44
C ALA A 177 3.05 23.24 8.28
N PRO A 178 2.82 23.85 7.11
CA PRO A 178 3.66 25.04 6.80
C PRO A 178 3.42 26.27 7.72
N SER A 179 2.34 26.24 8.50
CA SER A 179 1.98 27.28 9.45
C SER A 179 2.73 27.20 10.77
N ASP A 180 3.27 26.03 11.10
CA ASP A 180 4.00 25.88 12.34
C ASP A 180 5.27 25.11 12.09
N SER A 181 6.31 25.84 11.70
CA SER A 181 7.57 25.19 11.38
C SER A 181 8.43 25.02 12.61
N VAL A 182 7.80 25.01 13.79
CA VAL A 182 8.47 24.67 15.04
C VAL A 182 8.28 23.21 15.44
N ALA A 183 7.32 22.51 14.82
CA ALA A 183 6.91 21.19 15.29
C ALA A 183 8.10 20.26 15.10
N GLU A 184 8.28 19.33 16.04
CA GLU A 184 9.40 18.39 16.02
C GLU A 184 9.42 17.55 14.76
N LEU A 185 10.62 17.29 14.26
CA LEU A 185 10.81 16.49 13.08
C LEU A 185 11.39 15.19 13.52
N SER A 186 11.15 14.14 12.74
CA SER A 186 11.83 12.86 12.92
C SER A 186 13.30 12.92 12.61
N VAL A 187 14.07 12.13 13.36
CA VAL A 187 15.50 11.97 13.14
C VAL A 187 15.78 10.52 12.87
N ILE A 188 16.51 10.23 11.80
CA ILE A 188 16.97 8.88 11.49
C ILE A 188 18.47 8.89 11.72
N LYS A 189 18.86 8.21 12.78
CA LYS A 189 20.23 8.18 13.26
C LYS A 189 20.98 7.22 12.39
N VAL A 190 22.15 7.60 11.87
CA VAL A 190 23.07 6.66 11.22
C VAL A 190 24.48 6.85 11.81
N THR A 191 25.37 5.91 11.54
CA THR A 191 26.75 5.93 12.03
C THR A 191 27.68 5.80 10.85
N LYS A 192 28.50 6.85 10.63
CA LYS A 192 29.56 6.89 9.59
C LYS A 192 30.18 5.51 9.38
N GLY A 193 30.21 5.06 8.15
CA GLY A 193 30.89 3.81 7.80
C GLY A 193 30.01 2.56 7.75
N LYS A 194 28.78 2.69 8.25
CA LYS A 194 27.80 1.59 8.26
C LYS A 194 26.86 1.68 7.04
N ARG A 195 26.49 0.53 6.51
CA ARG A 195 25.55 0.45 5.40
C ARG A 195 24.18 -0.02 5.93
N TYR A 196 23.14 0.71 5.55
CA TYR A 196 21.80 0.56 6.06
C TYR A 196 20.84 0.08 4.97
N ARG A 197 20.06 -0.95 5.30
CA ARG A 197 18.86 -1.26 4.50
C ARG A 197 17.68 -0.44 4.96
N PHE A 198 17.39 0.61 4.21
CA PHE A 198 16.24 1.43 4.55
C PHE A 198 15.00 0.90 3.79
N ARG A 199 13.92 0.67 4.52
CA ARG A 199 12.73 0.06 3.96
C ARG A 199 11.70 1.19 3.94
N LEU A 200 11.52 1.76 2.74
CA LEU A 200 10.70 2.99 2.54
C LEU A 200 9.28 2.47 2.15
N VAL A 201 8.30 2.86 2.94
CA VAL A 201 6.94 2.37 2.80
C VAL A 201 6.05 3.58 2.70
N SER A 202 5.33 3.68 1.60
CA SER A 202 4.32 4.71 1.48
C SER A 202 2.96 4.24 2.06
N LEU A 203 2.62 4.85 3.18
CA LEU A 203 1.33 4.65 3.83
C LEU A 203 0.31 5.67 3.32
N SER A 204 0.59 6.29 2.15
CA SER A 204 -0.23 7.44 1.65
C SER A 204 -1.65 7.08 1.31
N CYS A 205 -2.57 7.95 1.69
CA CYS A 205 -3.95 7.87 1.27
C CYS A 205 -4.16 8.44 -0.12
N ASN A 206 -3.21 9.24 -0.63
CA ASN A 206 -3.48 10.00 -1.87
C ASN A 206 -2.21 10.46 -2.59
N PRO A 207 -1.50 11.49 -2.09
CA PRO A 207 -0.37 12.00 -2.87
C PRO A 207 0.75 10.98 -3.02
N ASN A 208 1.51 11.08 -4.12
CA ASN A 208 2.76 10.36 -4.24
C ASN A 208 3.84 11.33 -3.72
N HIS A 209 5.04 10.81 -3.50
CA HIS A 209 6.11 11.58 -2.84
C HIS A 209 7.40 11.33 -3.57
N THR A 210 8.18 12.39 -3.77
CA THR A 210 9.45 12.28 -4.45
C THR A 210 10.45 12.40 -3.32
N PHE A 211 11.11 11.28 -3.06
CA PHE A 211 11.90 11.07 -1.85
C PHE A 211 13.37 11.23 -2.24
N SER A 212 14.08 12.02 -1.45
CA SER A 212 15.54 12.13 -1.65
C SER A 212 16.26 12.37 -0.35
N ILE A 213 17.59 12.16 -0.38
CA ILE A 213 18.39 12.50 0.81
C ILE A 213 19.63 13.31 0.40
N ASP A 214 19.64 14.56 0.87
CA ASP A 214 20.74 15.50 0.64
C ASP A 214 22.07 14.73 0.85
N GLY A 215 22.96 14.87 -0.13
CA GLY A 215 24.31 14.30 -0.09
C GLY A 215 24.51 12.82 -0.31
N HIS A 216 23.42 12.05 -0.51
CA HIS A 216 23.53 10.60 -0.64
C HIS A 216 22.78 10.04 -1.85
N ASN A 217 23.30 8.98 -2.46
CA ASN A 217 22.49 8.23 -3.42
C ASN A 217 21.92 6.99 -2.70
N LEU A 218 21.01 6.32 -3.39
CA LEU A 218 20.19 5.28 -2.81
C LEU A 218 20.30 4.12 -3.76
N THR A 219 20.66 2.92 -3.29
CA THR A 219 20.69 1.77 -4.18
C THR A 219 19.46 0.92 -3.99
N ILE A 220 18.54 0.96 -4.92
CA ILE A 220 17.31 0.15 -4.74
C ILE A 220 17.60 -1.33 -4.96
N ILE A 221 17.17 -2.16 -4.01
CA ILE A 221 17.33 -3.62 -4.10
C ILE A 221 16.04 -4.48 -3.93
N GLU A 222 14.93 -3.83 -3.55
CA GLU A 222 13.59 -4.47 -3.44
C GLU A 222 12.49 -3.47 -3.90
N VAL A 223 11.51 -4.01 -4.61
CA VAL A 223 10.35 -3.24 -5.17
C VAL A 223 9.10 -4.05 -4.74
N ASP A 224 8.22 -3.46 -3.90
CA ASP A 224 6.98 -4.08 -3.42
C ASP A 224 7.18 -5.60 -3.16
N SER A 225 8.21 -5.93 -2.38
CA SER A 225 8.46 -7.28 -1.92
C SER A 225 9.22 -8.12 -2.94
N VAL A 226 9.62 -7.54 -4.07
CA VAL A 226 10.30 -8.33 -5.09
C VAL A 226 11.76 -7.87 -5.12
N ASN A 227 12.68 -8.83 -4.94
CA ASN A 227 14.11 -8.50 -5.02
C ASN A 227 14.48 -7.98 -6.40
N SER A 228 15.06 -6.79 -6.45
CA SER A 228 15.60 -6.25 -7.70
C SER A 228 17.15 -6.38 -7.84
N GLN A 229 17.60 -6.45 -9.08
CA GLN A 229 18.92 -5.92 -9.45
C GLN A 229 19.15 -4.60 -8.76
N PRO A 230 20.37 -4.34 -8.24
CA PRO A 230 20.59 -3.10 -7.51
C PRO A 230 20.57 -1.92 -8.45
N LEU A 231 19.86 -0.85 -8.09
CA LEU A 231 19.69 0.31 -8.98
C LEU A 231 19.96 1.60 -8.25
N GLU A 232 21.05 2.28 -8.64
CA GLU A 232 21.44 3.46 -7.90
C GLU A 232 20.71 4.66 -8.46
N VAL A 233 20.10 5.45 -7.58
CA VAL A 233 19.25 6.59 -7.95
C VAL A 233 19.51 7.67 -6.96
N ASP A 234 19.14 8.91 -7.29
CA ASP A 234 19.30 9.98 -6.37
C ASP A 234 17.97 10.57 -5.93
N SER A 235 16.88 10.01 -6.47
CA SER A 235 15.56 10.36 -6.04
C SER A 235 14.64 9.19 -6.39
N ILE A 236 13.59 9.01 -5.58
CA ILE A 236 12.56 7.99 -5.79
C ILE A 236 11.15 8.59 -5.73
N GLN A 237 10.43 8.54 -6.86
CA GLN A 237 9.00 8.94 -6.82
C GLN A 237 8.23 7.70 -6.44
N ILE A 238 7.56 7.76 -5.31
CA ILE A 238 6.96 6.58 -4.73
C ILE A 238 5.48 6.86 -4.55
N PHE A 239 4.68 5.96 -5.11
CA PHE A 239 3.22 6.12 -5.19
C PHE A 239 2.65 5.50 -3.95
N ALA A 240 1.44 5.95 -3.60
CA ALA A 240 0.69 5.40 -2.50
C ALA A 240 0.77 3.87 -2.53
N ALA A 241 1.17 3.32 -1.41
CA ALA A 241 1.16 1.88 -1.13
C ALA A 241 2.36 1.09 -1.64
N GLN A 242 3.24 1.75 -2.37
CA GLN A 242 4.41 1.15 -2.89
C GLN A 242 5.44 1.05 -1.73
N ARG A 243 6.44 0.21 -1.95
CA ARG A 243 7.55 0.03 -1.00
C ARG A 243 8.82 -0.17 -1.79
N TYR A 244 9.93 0.41 -1.31
CA TYR A 244 11.28 0.14 -1.82
C TYR A 244 12.20 -0.08 -0.64
N SER A 245 13.07 -1.10 -0.73
CA SER A 245 14.29 -1.10 0.06
C SER A 245 15.37 -0.40 -0.77
N PHE A 246 16.07 0.50 -0.10
CA PHE A 246 17.30 1.06 -0.62
C PHE A 246 18.44 0.95 0.39
N VAL A 247 19.63 0.73 -0.14
CA VAL A 247 20.81 0.78 0.72
C VAL A 247 21.40 2.18 0.73
N LEU A 248 21.67 2.69 1.92
CA LEU A 248 22.33 3.97 2.08
C LEU A 248 23.71 3.69 2.71
N ASP A 249 24.78 4.09 2.02
CA ASP A 249 26.14 4.00 2.61
C ASP A 249 26.37 5.27 3.43
N ALA A 250 26.55 5.13 4.74
CA ALA A 250 26.70 6.31 5.58
C ALA A 250 28.17 6.75 5.62
N ASN A 251 28.73 7.06 4.44
CA ASN A 251 30.15 7.27 4.28
C ASN A 251 30.47 8.70 3.81
N GLN A 252 29.60 9.61 4.20
CA GLN A 252 29.82 11.03 4.00
C GLN A 252 30.24 11.64 5.33
N ALA A 253 30.38 12.96 5.39
CA ALA A 253 30.90 13.61 6.59
C ALA A 253 29.85 13.58 7.71
N VAL A 254 30.30 13.33 8.93
CA VAL A 254 29.37 13.35 10.07
C VAL A 254 28.71 14.73 10.10
N ASP A 255 27.40 14.76 9.89
CA ASP A 255 26.65 16.02 9.92
C ASP A 255 25.12 15.71 9.94
N ASN A 256 24.28 16.75 9.92
CA ASN A 256 22.85 16.59 9.65
C ASN A 256 22.59 16.76 8.14
N TYR A 257 21.63 16.00 7.61
CA TYR A 257 21.28 16.08 6.18
C TYR A 257 19.75 16.02 6.04
N TRP A 258 19.15 16.86 5.19
CA TRP A 258 17.69 16.83 5.02
C TRP A 258 17.29 15.51 4.29
N ILE A 259 16.28 14.86 4.87
CA ILE A 259 15.48 13.84 4.19
C ILE A 259 14.26 14.55 3.63
N ARG A 260 14.03 14.38 2.34
CA ARG A 260 12.98 15.07 1.63
C ARG A 260 11.94 14.10 1.04
N ALA A 261 10.66 14.43 1.19
CA ALA A 261 9.53 13.68 0.60
C ALA A 261 8.50 14.69 0.10
N ASN A 262 8.68 15.12 -1.13
CA ASN A 262 7.85 16.20 -1.67
C ASN A 262 6.59 15.65 -2.35
N PRO A 263 5.39 16.07 -1.88
CA PRO A 263 4.26 15.39 -2.44
C PRO A 263 3.98 15.95 -3.83
N ASN A 264 3.24 15.22 -4.64
CA ASN A 264 2.89 15.72 -5.96
C ASN A 264 1.95 16.93 -5.92
N PHE A 265 1.17 17.11 -4.87
CA PHE A 265 0.31 18.30 -4.72
C PHE A 265 0.06 18.55 -3.24
N GLY A 266 -0.57 19.67 -2.91
CA GLY A 266 -0.76 20.10 -1.52
C GLY A 266 0.28 21.13 -1.16
N ASN A 267 0.91 20.98 0.01
CA ASN A 267 2.06 21.82 0.39
C ASN A 267 3.39 21.28 -0.15
N VAL A 268 3.90 21.91 -1.20
CA VAL A 268 5.06 21.39 -1.89
C VAL A 268 6.29 22.19 -1.49
N GLY A 269 7.45 21.59 -1.74
CA GLY A 269 8.71 22.22 -1.42
C GLY A 269 9.00 22.01 0.04
N PHE A 270 9.90 22.83 0.60
CA PHE A 270 10.50 22.54 1.85
C PHE A 270 10.67 23.76 2.75
N ASP A 271 9.86 24.79 2.51
CA ASP A 271 9.94 25.97 3.33
C ASP A 271 9.59 25.66 4.77
N GLY A 272 10.36 26.18 5.72
CA GLY A 272 10.09 25.88 7.13
C GLY A 272 10.46 24.46 7.49
N GLY A 273 11.06 23.70 6.58
CA GLY A 273 11.28 22.26 6.85
C GLY A 273 10.03 21.37 6.78
N ILE A 274 8.98 21.81 6.08
CA ILE A 274 7.87 20.92 5.69
C ILE A 274 8.44 19.83 4.79
N ASN A 275 7.68 18.72 4.67
CA ASN A 275 8.03 17.63 3.77
C ASN A 275 9.42 17.06 3.99
N SER A 276 9.84 17.07 5.26
CA SER A 276 11.25 16.78 5.62
C SER A 276 11.38 16.05 6.93
N ALA A 277 12.49 15.33 7.05
CA ALA A 277 13.02 14.78 8.29
C ALA A 277 14.56 14.92 8.28
N ILE A 278 15.24 14.38 9.28
CA ILE A 278 16.71 14.57 9.45
C ILE A 278 17.51 13.26 9.43
N LEU A 279 18.50 13.13 8.54
CA LEU A 279 19.46 12.07 8.63
C LEU A 279 20.60 12.67 9.48
N ARG A 280 20.67 12.23 10.74
CA ARG A 280 21.75 12.61 11.67
C ARG A 280 22.81 11.50 11.81
N TYR A 281 24.02 11.72 11.27
CA TYR A 281 25.17 10.82 11.58
C TYR A 281 25.51 10.94 13.11
N ASP A 282 25.88 9.85 13.77
CA ASP A 282 26.29 9.98 15.19
C ASP A 282 27.35 11.06 15.39
N GLY A 283 27.29 11.79 16.50
CA GLY A 283 28.21 12.89 16.76
C GLY A 283 27.77 14.24 16.24
N ALA A 284 26.87 14.28 15.25
CA ALA A 284 26.41 15.57 14.75
C ALA A 284 25.56 16.28 15.81
N PRO A 285 25.63 17.61 15.86
CA PRO A 285 24.75 18.36 16.77
C PRO A 285 23.25 18.15 16.50
N ALA A 286 22.48 18.43 17.53
CA ALA A 286 21.05 18.22 17.56
C ALA A 286 20.38 19.45 17.00
N VAL A 287 20.62 19.68 15.71
CA VAL A 287 20.10 20.85 15.01
C VAL A 287 19.68 20.47 13.60
N GLU A 288 18.82 21.29 13.02
CA GLU A 288 18.33 21.08 11.68
C GLU A 288 19.48 21.15 10.67
N PRO A 289 19.42 20.30 9.63
CA PRO A 289 20.43 20.40 8.57
C PRO A 289 20.42 21.76 7.91
N THR A 290 21.49 22.07 7.19
CA THR A 290 21.56 23.28 6.38
C THR A 290 22.00 22.89 4.99
N THR A 291 21.94 21.58 4.69
CA THR A 291 22.27 21.08 3.38
C THR A 291 21.27 21.65 2.37
N ASN A 292 21.64 21.66 1.10
CA ASN A 292 20.70 22.14 0.08
C ASN A 292 20.42 21.00 -0.85
N GLN A 293 19.28 21.07 -1.53
CA GLN A 293 18.92 20.04 -2.50
C GLN A 293 19.60 20.32 -3.83
N THR A 294 20.12 19.27 -4.46
CA THR A 294 20.69 19.30 -5.79
C THR A 294 19.77 18.60 -6.78
N THR A 295 19.92 18.90 -8.05
CA THR A 295 19.03 18.35 -9.07
C THR A 295 19.19 16.84 -9.09
N SER A 296 18.06 16.15 -9.24
CA SER A 296 18.13 14.71 -9.34
C SER A 296 18.62 14.42 -10.75
N VAL A 297 19.76 13.77 -10.89
CA VAL A 297 20.33 13.47 -12.19
C VAL A 297 20.20 11.98 -12.53
N LYS A 298 19.88 11.14 -11.55
CA LYS A 298 19.55 9.73 -11.78
C LYS A 298 18.22 9.32 -11.09
N PRO A 299 17.10 9.96 -11.47
CA PRO A 299 15.81 9.60 -10.80
C PRO A 299 15.41 8.16 -11.10
N LEU A 300 14.66 7.53 -10.20
CA LEU A 300 14.20 6.19 -10.50
C LEU A 300 13.24 6.30 -11.67
N ASN A 301 13.36 5.38 -12.58
CA ASN A 301 12.41 5.11 -13.63
C ASN A 301 12.07 3.64 -13.54
N GLU A 302 10.77 3.33 -13.49
CA GLU A 302 10.37 1.95 -13.25
C GLU A 302 10.88 0.98 -14.30
N VAL A 303 11.06 1.44 -15.52
CA VAL A 303 11.53 0.57 -16.62
C VAL A 303 12.97 0.09 -16.39
N ASP A 304 13.71 0.83 -15.56
CA ASP A 304 15.09 0.52 -15.26
C ASP A 304 15.18 -0.57 -14.21
N LEU A 305 14.05 -0.87 -13.52
CA LEU A 305 14.00 -1.95 -12.53
C LEU A 305 13.79 -3.31 -13.14
N HIS A 306 14.53 -4.30 -12.63
CA HIS A 306 14.40 -5.68 -13.09
C HIS A 306 14.57 -6.67 -11.92
N PRO A 307 13.89 -7.83 -12.00
CA PRO A 307 14.06 -8.75 -10.88
C PRO A 307 15.52 -9.23 -10.71
N LEU A 308 15.87 -9.51 -9.47
CA LEU A 308 17.19 -9.98 -9.15
C LEU A 308 17.40 -11.30 -9.83
N VAL A 309 16.40 -12.15 -9.73
CA VAL A 309 16.45 -13.50 -10.29
C VAL A 309 15.49 -13.48 -11.45
N SER A 310 15.91 -14.08 -12.57
CA SER A 310 15.09 -14.13 -13.78
C SER A 310 13.77 -14.79 -13.54
N THR A 311 12.73 -14.09 -13.94
CA THR A 311 11.36 -14.45 -13.61
C THR A 311 10.57 -14.32 -14.91
N PRO A 312 10.17 -15.43 -15.51
CA PRO A 312 9.46 -15.30 -16.78
C PRO A 312 8.14 -14.56 -16.61
N VAL A 313 7.79 -13.77 -17.62
CA VAL A 313 6.53 -13.10 -17.66
C VAL A 313 5.43 -14.14 -17.99
N PRO A 314 4.25 -14.04 -17.31
CA PRO A 314 3.16 -14.92 -17.69
C PRO A 314 2.75 -14.71 -19.13
N GLY A 315 2.45 -15.79 -19.86
CA GLY A 315 1.93 -15.68 -21.25
C GLY A 315 2.99 -15.87 -22.34
N SER A 316 2.81 -15.21 -23.48
CA SER A 316 3.75 -15.29 -24.63
C SER A 316 4.10 -13.88 -25.15
N PRO A 317 5.37 -13.65 -25.57
CA PRO A 317 6.02 -12.39 -26.05
C PRO A 317 5.25 -11.41 -26.94
N SER A 318 3.93 -11.46 -26.95
CA SER A 318 3.13 -10.65 -27.86
C SER A 318 2.03 -9.97 -27.09
N SER A 319 1.64 -8.79 -27.57
CA SER A 319 0.40 -8.17 -27.14
C SER A 319 -0.68 -9.27 -27.10
N GLY A 320 -1.14 -9.57 -25.88
CA GLY A 320 -2.26 -10.49 -25.72
C GLY A 320 -1.93 -11.96 -25.99
N GLY A 321 -0.66 -12.35 -25.83
CA GLY A 321 -0.27 -13.77 -25.79
C GLY A 321 -0.53 -14.38 -24.41
N VAL A 322 -1.78 -14.23 -23.94
CA VAL A 322 -2.23 -14.69 -22.64
C VAL A 322 -3.53 -15.41 -22.82
N ASP A 323 -3.97 -16.09 -21.78
CA ASP A 323 -5.22 -16.81 -21.82
C ASP A 323 -6.40 -15.86 -21.77
N LYS A 324 -6.27 -14.73 -21.05
CA LYS A 324 -7.38 -13.79 -20.94
C LYS A 324 -6.87 -12.37 -20.75
N ALA A 325 -7.32 -11.46 -21.61
CA ALA A 325 -6.93 -10.06 -21.58
C ALA A 325 -8.18 -9.24 -21.24
N ILE A 326 -8.04 -8.29 -20.32
CA ILE A 326 -9.13 -7.45 -19.88
C ILE A 326 -8.62 -6.03 -19.98
N ASN A 327 -9.37 -5.16 -20.65
CA ASN A 327 -9.10 -3.74 -20.64
C ASN A 327 -9.97 -2.94 -19.63
N MET A 328 -9.33 -2.10 -18.87
CA MET A 328 -10.08 -1.30 -17.91
C MET A 328 -10.26 0.15 -18.37
N ALA A 329 -11.47 0.46 -18.82
CA ALA A 329 -11.83 1.81 -19.29
C ALA A 329 -12.34 2.60 -18.12
N PHE A 330 -11.66 3.70 -17.83
CA PHE A 330 -12.05 4.59 -16.73
C PHE A 330 -13.07 5.71 -17.09
N ASN A 331 -13.93 5.99 -16.12
CA ASN A 331 -14.73 7.21 -16.19
C ASN A 331 -14.85 7.85 -14.82
N PHE A 332 -15.32 9.10 -14.81
CA PHE A 332 -15.52 9.90 -13.58
C PHE A 332 -16.57 10.99 -13.81
N ASN A 333 -17.52 11.15 -12.91
CA ASN A 333 -18.58 12.15 -13.09
C ASN A 333 -18.65 13.26 -12.05
N GLY A 334 -17.56 13.48 -11.32
CA GLY A 334 -17.50 14.52 -10.35
C GLY A 334 -17.56 13.97 -8.94
N SER A 335 -18.32 12.91 -8.75
CA SER A 335 -18.42 12.31 -7.42
C SER A 335 -17.95 10.88 -7.36
N ASN A 336 -18.16 10.16 -8.47
CA ASN A 336 -17.82 8.74 -8.55
C ASN A 336 -16.92 8.36 -9.71
N PHE A 337 -16.10 7.31 -9.50
CA PHE A 337 -15.24 6.74 -10.52
C PHE A 337 -15.96 5.55 -11.02
N PHE A 338 -15.66 5.18 -12.26
CA PHE A 338 -16.22 4.01 -12.90
C PHE A 338 -15.11 3.21 -13.60
N ILE A 339 -15.26 1.92 -13.59
CA ILE A 339 -14.46 1.04 -14.42
C ILE A 339 -15.41 0.19 -15.31
N ASN A 340 -15.11 0.22 -16.63
CA ASN A 340 -15.97 -0.38 -17.64
C ASN A 340 -17.47 -0.19 -17.32
N GLY A 341 -17.82 1.05 -16.96
CA GLY A 341 -19.22 1.55 -16.84
C GLY A 341 -19.86 1.30 -15.49
N ALA A 342 -19.07 0.71 -14.57
CA ALA A 342 -19.54 0.30 -13.22
C ALA A 342 -18.66 1.02 -12.12
N SER A 343 -19.34 1.73 -11.22
CA SER A 343 -18.76 2.36 -10.05
C SER A 343 -18.97 1.41 -8.91
N PHE A 344 -17.88 1.09 -8.24
CA PHE A 344 -18.00 -0.01 -7.27
C PHE A 344 -18.82 0.43 -6.04
N VAL A 345 -19.80 -0.38 -5.68
CA VAL A 345 -20.56 -0.17 -4.41
C VAL A 345 -20.55 -1.49 -3.65
N PRO A 346 -19.98 -1.50 -2.42
CA PRO A 346 -19.91 -2.82 -1.77
C PRO A 346 -21.26 -3.51 -1.59
N PRO A 347 -21.32 -4.83 -1.81
CA PRO A 347 -22.53 -5.63 -1.70
C PRO A 347 -22.77 -5.97 -0.25
N THR A 348 -24.03 -6.24 0.06
CA THR A 348 -24.45 -6.62 1.40
C THR A 348 -23.77 -7.83 1.94
N VAL A 349 -23.69 -8.87 1.09
CA VAL A 349 -23.07 -10.13 1.40
C VAL A 349 -21.65 -10.09 0.78
N PRO A 350 -20.63 -10.18 1.61
CA PRO A 350 -19.28 -10.19 1.01
C PRO A 350 -19.11 -11.13 -0.17
N VAL A 351 -18.37 -10.68 -1.16
CA VAL A 351 -18.15 -11.50 -2.36
C VAL A 351 -17.69 -12.89 -1.95
N LEU A 352 -16.82 -12.98 -0.97
CA LEU A 352 -16.34 -14.35 -0.59
C LEU A 352 -17.49 -15.18 -0.01
N LEU A 353 -18.34 -14.57 0.80
CA LEU A 353 -19.47 -15.25 1.39
C LEU A 353 -20.49 -15.65 0.28
N GLN A 354 -20.65 -14.84 -0.77
CA GLN A 354 -21.49 -15.20 -1.89
C GLN A 354 -20.96 -16.43 -2.56
N ILE A 355 -19.65 -16.45 -2.77
CA ILE A 355 -19.02 -17.62 -3.41
C ILE A 355 -19.21 -18.86 -2.57
N LEU A 356 -18.95 -18.78 -1.29
CA LEU A 356 -19.15 -19.93 -0.39
C LEU A 356 -20.63 -20.35 -0.37
N SER A 357 -21.54 -19.42 -0.66
CA SER A 357 -22.97 -19.69 -0.79
C SER A 357 -23.42 -20.07 -2.23
N GLY A 358 -22.47 -20.50 -3.08
CA GLY A 358 -22.75 -21.06 -4.40
C GLY A 358 -22.52 -20.15 -5.59
N ALA A 359 -22.35 -18.84 -5.38
CA ALA A 359 -22.30 -17.88 -6.50
C ALA A 359 -20.94 -17.98 -7.17
N GLN A 360 -20.88 -18.58 -8.36
CA GLN A 360 -19.57 -18.82 -9.01
C GLN A 360 -19.41 -18.11 -10.35
N THR A 361 -20.46 -17.45 -10.85
CA THR A 361 -20.45 -16.80 -12.16
C THR A 361 -20.62 -15.31 -12.00
N ALA A 362 -20.22 -14.52 -13.00
CA ALA A 362 -20.45 -13.06 -12.92
C ALA A 362 -21.94 -12.75 -12.87
N GLN A 363 -22.73 -13.63 -13.47
CA GLN A 363 -24.15 -13.47 -13.50
C GLN A 363 -24.76 -13.55 -12.11
N ASP A 364 -24.25 -14.46 -11.30
CA ASP A 364 -24.74 -14.66 -9.96
C ASP A 364 -24.12 -13.72 -8.90
N LEU A 365 -22.93 -13.19 -9.22
CA LEU A 365 -22.16 -12.39 -8.24
C LEU A 365 -22.55 -10.97 -8.23
N LEU A 366 -22.46 -10.38 -7.05
CA LEU A 366 -22.75 -8.97 -6.83
C LEU A 366 -21.48 -8.29 -6.25
N PRO A 367 -21.21 -7.00 -6.62
CA PRO A 367 -22.06 -6.09 -7.40
C PRO A 367 -22.10 -6.45 -8.91
N SER A 368 -23.27 -6.30 -9.54
CA SER A 368 -23.38 -6.65 -10.96
C SER A 368 -22.49 -5.71 -11.80
N GLY A 369 -21.70 -6.29 -12.70
CA GLY A 369 -20.81 -5.58 -13.63
C GLY A 369 -19.43 -5.15 -13.06
N SER A 370 -19.17 -5.57 -11.81
CA SER A 370 -17.95 -5.18 -11.11
C SER A 370 -17.08 -6.40 -10.78
N VAL A 371 -17.56 -7.58 -11.15
CA VAL A 371 -16.85 -8.82 -10.87
C VAL A 371 -16.47 -9.57 -12.14
N TYR A 372 -15.18 -9.88 -12.23
CA TYR A 372 -14.62 -10.53 -13.38
C TYR A 372 -14.18 -11.92 -12.93
N VAL A 373 -14.83 -12.95 -13.48
CA VAL A 373 -14.49 -14.34 -13.17
C VAL A 373 -13.31 -14.78 -14.03
N LEU A 374 -12.25 -15.27 -13.40
CA LEU A 374 -11.02 -15.74 -14.08
C LEU A 374 -10.90 -17.25 -13.98
N PRO A 375 -10.47 -17.86 -15.10
CA PRO A 375 -10.19 -19.28 -15.05
C PRO A 375 -8.97 -19.53 -14.21
N SER A 376 -8.85 -20.79 -13.79
CA SER A 376 -7.72 -21.28 -13.05
C SER A 376 -6.54 -21.50 -13.97
N ASN A 377 -5.34 -21.34 -13.40
CA ASN A 377 -4.10 -21.78 -14.04
C ASN A 377 -3.98 -21.16 -15.42
N ALA A 378 -4.28 -19.86 -15.49
CA ALA A 378 -4.30 -19.09 -16.74
C ALA A 378 -3.44 -17.87 -16.62
N SER A 379 -2.97 -17.39 -17.76
CA SER A 379 -2.28 -16.16 -17.78
C SER A 379 -3.30 -15.07 -18.13
N ILE A 380 -3.16 -13.96 -17.39
CA ILE A 380 -4.02 -12.81 -17.50
C ILE A 380 -3.21 -11.57 -17.79
N GLU A 381 -3.74 -10.75 -18.70
CA GLU A 381 -3.17 -9.46 -19.00
C GLU A 381 -4.25 -8.42 -18.73
N ILE A 382 -3.92 -7.36 -17.98
CA ILE A 382 -4.86 -6.25 -17.76
C ILE A 382 -4.21 -4.97 -18.14
N SER A 383 -4.90 -4.18 -18.96
CA SER A 383 -4.43 -2.85 -19.36
C SER A 383 -5.30 -1.78 -18.75
N PHE A 384 -4.66 -0.66 -18.40
CA PHE A 384 -5.36 0.49 -17.72
C PHE A 384 -5.09 1.83 -18.44
N PRO A 385 -5.59 1.95 -19.68
CA PRO A 385 -5.30 3.16 -20.46
C PRO A 385 -5.60 4.47 -19.75
N ALA A 386 -4.61 5.36 -19.70
CA ALA A 386 -4.83 6.62 -19.01
C ALA A 386 -5.81 7.44 -19.87
N THR A 387 -6.71 8.15 -19.23
CA THR A 387 -7.68 8.98 -19.97
C THR A 387 -7.99 10.22 -19.18
N ALA A 388 -8.25 11.31 -19.91
CA ALA A 388 -8.73 12.55 -19.27
C ALA A 388 -10.06 12.32 -18.55
N ALA A 389 -10.83 11.29 -18.95
CA ALA A 389 -12.08 10.94 -18.29
C ALA A 389 -11.93 10.60 -16.79
N ALA A 390 -10.69 10.32 -16.31
CA ALA A 390 -10.39 9.94 -14.91
C ALA A 390 -9.37 10.92 -14.28
N PRO A 391 -9.84 12.10 -13.87
CA PRO A 391 -9.01 13.04 -13.13
C PRO A 391 -8.44 12.41 -11.85
N GLY A 392 -7.43 13.05 -11.30
CA GLY A 392 -6.75 12.61 -10.07
C GLY A 392 -5.60 11.69 -10.44
N ALA A 393 -5.18 11.75 -11.69
CA ALA A 393 -4.09 10.95 -12.21
C ALA A 393 -2.75 11.45 -11.61
N PRO A 394 -1.71 10.57 -11.55
CA PRO A 394 -1.67 9.15 -11.93
C PRO A 394 -2.24 8.24 -10.86
N HIS A 395 -3.12 7.38 -11.27
CA HIS A 395 -3.76 6.42 -10.43
C HIS A 395 -2.86 5.20 -10.20
N PRO A 396 -2.45 4.98 -8.93
CA PRO A 396 -1.67 3.80 -8.57
C PRO A 396 -2.65 2.63 -8.31
N PHE A 397 -2.77 1.73 -9.27
CA PHE A 397 -3.61 0.57 -9.14
C PHE A 397 -2.90 -0.56 -8.38
N HIS A 398 -3.67 -1.26 -7.57
CA HIS A 398 -3.21 -2.41 -6.78
C HIS A 398 -4.09 -3.60 -6.97
N LEU A 399 -3.45 -4.76 -7.19
CA LEU A 399 -4.08 -6.03 -7.27
C LEU A 399 -3.74 -6.85 -6.02
N HIS A 400 -4.79 -7.17 -5.26
CA HIS A 400 -4.66 -8.04 -4.10
C HIS A 400 -4.31 -9.51 -4.55
N GLY A 401 -3.69 -10.26 -3.64
CA GLY A 401 -3.44 -11.65 -3.82
C GLY A 401 -2.43 -12.08 -4.90
N HIS A 402 -1.70 -11.13 -5.47
CA HIS A 402 -0.82 -11.41 -6.60
C HIS A 402 0.32 -10.42 -6.61
N THR A 403 1.44 -10.81 -7.19
CA THR A 403 2.45 -9.89 -7.65
C THR A 403 2.51 -10.03 -9.13
N PHE A 404 2.39 -8.94 -9.86
CA PHE A 404 2.30 -9.03 -11.30
C PHE A 404 3.47 -8.41 -12.02
N ALA A 405 3.62 -8.80 -13.27
CA ALA A 405 4.72 -8.27 -14.13
C ALA A 405 4.22 -6.98 -14.75
N VAL A 406 5.03 -5.92 -14.69
CA VAL A 406 4.62 -4.65 -15.28
C VAL A 406 5.25 -4.70 -16.68
N VAL A 407 4.46 -5.14 -17.65
CA VAL A 407 4.94 -5.32 -19.03
C VAL A 407 5.02 -3.95 -19.72
N ARG A 408 4.21 -3.00 -19.30
CA ARG A 408 4.32 -1.63 -19.79
C ARG A 408 4.12 -0.63 -18.64
N SER A 409 5.13 0.24 -18.40
CA SER A 409 5.18 1.21 -17.29
C SER A 409 4.73 2.56 -17.78
N ALA A 410 4.35 3.43 -16.84
CA ALA A 410 3.95 4.78 -17.13
C ALA A 410 5.18 5.51 -17.65
N GLY A 411 4.96 6.37 -18.63
CA GLY A 411 6.00 7.20 -19.20
C GLY A 411 6.86 6.47 -20.18
N SER A 412 6.36 5.36 -20.69
CA SER A 412 7.11 4.43 -21.55
C SER A 412 6.09 3.94 -22.52
N THR A 413 6.48 3.84 -23.79
CA THR A 413 5.59 3.44 -24.89
C THR A 413 5.92 2.02 -25.27
N VAL A 414 6.83 1.43 -24.51
CA VAL A 414 7.48 0.15 -24.81
C VAL A 414 6.86 -1.03 -23.99
N TYR A 415 6.80 -2.21 -24.58
CA TYR A 415 6.32 -3.42 -23.87
C TYR A 415 7.48 -4.35 -23.62
N ASN A 416 7.71 -4.73 -22.36
CA ASN A 416 8.82 -5.57 -21.97
C ASN A 416 8.34 -6.95 -21.52
N TYR A 417 8.44 -7.90 -22.45
CA TYR A 417 8.06 -9.27 -22.22
C TYR A 417 9.17 -10.11 -21.70
N ASP A 418 10.31 -9.49 -21.40
CA ASP A 418 11.54 -10.25 -21.13
C ASP A 418 11.92 -10.23 -19.66
N ASN A 419 12.22 -9.04 -19.13
CA ASN A 419 12.74 -8.91 -17.73
C ASN A 419 12.06 -7.74 -16.97
N PRO A 420 10.76 -7.60 -17.15
CA PRO A 420 10.11 -6.49 -16.43
C PRO A 420 10.07 -6.78 -14.94
N ILE A 421 10.17 -5.72 -14.15
CA ILE A 421 9.95 -5.80 -12.71
C ILE A 421 8.54 -6.37 -12.42
N PHE A 422 8.44 -7.13 -11.33
CA PHE A 422 7.18 -7.55 -10.72
C PHE A 422 6.95 -6.70 -9.47
N ARG A 423 5.70 -6.35 -9.22
CA ARG A 423 5.37 -5.59 -8.04
C ARG A 423 3.83 -5.77 -7.80
N ASP A 424 3.26 -5.03 -6.87
CA ASP A 424 1.85 -5.15 -6.61
C ASP A 424 1.08 -3.82 -6.60
N VAL A 425 1.79 -2.70 -6.68
CA VAL A 425 1.14 -1.34 -6.89
C VAL A 425 1.87 -0.67 -8.05
N VAL A 426 1.12 -0.24 -9.04
CA VAL A 426 1.72 0.40 -10.21
C VAL A 426 1.02 1.69 -10.65
N SER A 427 1.80 2.75 -10.88
CA SER A 427 1.27 3.96 -11.43
C SER A 427 0.73 3.70 -12.83
N THR A 428 -0.51 4.12 -13.09
CA THR A 428 -1.10 3.96 -14.42
C THR A 428 -0.89 5.23 -15.26
N GLY A 429 -0.05 6.15 -14.75
CA GLY A 429 0.46 7.25 -15.56
C GLY A 429 -0.57 8.31 -15.89
N THR A 430 -0.41 8.95 -17.05
CA THR A 430 -1.22 10.09 -17.43
C THR A 430 -1.71 10.05 -18.87
N PRO A 431 -2.83 10.73 -19.12
CA PRO A 431 -3.27 10.88 -20.52
C PRO A 431 -2.30 11.76 -21.32
N ALA A 432 -1.61 12.69 -20.66
CA ALA A 432 -0.58 13.53 -21.30
C ALA A 432 0.48 12.72 -22.05
N ALA A 433 0.82 11.53 -21.54
CA ALA A 433 1.85 10.71 -22.18
C ALA A 433 1.28 9.58 -22.99
N GLY A 434 -0.05 9.53 -23.15
CA GLY A 434 -0.75 8.44 -23.81
C GLY A 434 -0.46 7.09 -23.16
N ASP A 435 -0.32 7.08 -21.84
CA ASP A 435 0.01 5.82 -21.12
C ASP A 435 -1.03 4.74 -21.32
N ASN A 436 -0.55 3.50 -21.31
CA ASN A 436 -1.42 2.34 -21.36
C ASN A 436 -0.69 1.24 -20.60
N VAL A 437 -0.55 1.50 -19.30
CA VAL A 437 0.13 0.61 -18.37
C VAL A 437 -0.56 -0.72 -18.36
N THR A 438 0.25 -1.76 -18.49
CA THR A 438 -0.26 -3.11 -18.66
C THR A 438 0.49 -4.07 -17.74
N ILE A 439 -0.25 -4.98 -17.12
CA ILE A 439 0.28 -5.96 -16.18
C ILE A 439 -0.10 -7.37 -16.57
N ARG A 440 0.65 -8.36 -16.08
CA ARG A 440 0.34 -9.79 -16.29
C ARG A 440 0.53 -10.58 -15.01
N PHE A 441 -0.33 -11.54 -14.82
CA PHE A 441 -0.20 -12.47 -13.71
C PHE A 441 -0.86 -13.79 -14.09
N ASP A 442 -0.67 -14.78 -13.24
CA ASP A 442 -1.21 -16.14 -13.41
C ASP A 442 -2.17 -16.35 -12.30
N THR A 443 -3.24 -17.08 -12.58
CA THR A 443 -4.28 -17.31 -11.62
C THR A 443 -4.05 -18.62 -10.92
N ASN A 444 -3.10 -18.63 -9.98
CA ASN A 444 -2.91 -19.83 -9.18
C ASN A 444 -3.24 -19.60 -7.72
N ASN A 445 -4.26 -18.76 -7.47
CA ASN A 445 -4.65 -18.36 -6.11
C ASN A 445 -6.15 -18.14 -5.97
N PRO A 446 -6.89 -19.22 -5.78
CA PRO A 446 -8.34 -19.14 -5.78
C PRO A 446 -8.88 -18.20 -4.74
N GLY A 447 -9.75 -17.32 -5.19
CA GLY A 447 -10.48 -16.39 -4.31
C GLY A 447 -10.85 -15.12 -5.04
N PRO A 448 -11.78 -14.35 -4.46
CA PRO A 448 -12.03 -12.97 -4.89
C PRO A 448 -10.93 -12.02 -4.37
N TRP A 449 -10.30 -11.31 -5.30
CA TRP A 449 -9.21 -10.40 -4.99
C TRP A 449 -9.57 -9.01 -5.57
N PHE A 450 -9.55 -7.95 -4.73
CA PHE A 450 -9.86 -6.57 -5.10
C PHE A 450 -8.74 -6.10 -6.04
N LEU A 451 -9.11 -5.34 -7.05
CA LEU A 451 -8.20 -4.62 -7.89
C LEU A 451 -8.72 -3.19 -7.94
N HIS A 452 -7.90 -2.22 -7.52
CA HIS A 452 -8.41 -0.88 -7.26
C HIS A 452 -7.38 0.21 -7.24
N CYS A 453 -7.82 1.46 -7.42
CA CYS A 453 -6.90 2.56 -7.22
C CYS A 453 -6.59 2.67 -5.73
N HIS A 454 -5.33 2.88 -5.43
CA HIS A 454 -4.88 2.94 -4.04
C HIS A 454 -4.94 4.38 -3.45
N ILE A 455 -5.41 5.37 -4.25
CA ILE A 455 -5.83 6.66 -3.65
C ILE A 455 -7.15 6.34 -2.96
N ASP A 456 -7.14 6.39 -1.63
CA ASP A 456 -8.26 5.86 -0.87
C ASP A 456 -9.58 6.56 -1.22
N PHE A 457 -9.50 7.87 -1.47
CA PHE A 457 -10.67 8.68 -1.78
C PHE A 457 -11.27 8.19 -3.11
N HIS A 458 -10.41 7.75 -4.03
CA HIS A 458 -10.90 7.22 -5.29
C HIS A 458 -11.50 5.85 -5.13
N LEU A 459 -10.82 4.98 -4.36
CA LEU A 459 -11.46 3.69 -3.99
C LEU A 459 -12.92 3.95 -3.44
N GLU A 460 -13.05 4.91 -2.52
CA GLU A 460 -14.30 5.25 -1.86
C GLU A 460 -15.38 5.70 -2.87
N GLY A 461 -14.93 6.37 -3.94
CA GLY A 461 -15.81 6.86 -5.01
C GLY A 461 -16.05 5.78 -6.06
N GLY A 462 -15.64 4.55 -5.76
CA GLY A 462 -15.99 3.46 -6.61
C GLY A 462 -14.91 2.95 -7.56
N PHE A 463 -13.67 3.41 -7.42
CA PHE A 463 -12.65 3.07 -8.46
C PHE A 463 -12.07 1.70 -8.14
N ALA A 464 -12.88 0.66 -8.32
CA ALA A 464 -12.51 -0.72 -7.99
C ALA A 464 -13.27 -1.73 -8.82
N VAL A 465 -12.67 -2.91 -8.97
CA VAL A 465 -13.35 -4.10 -9.41
C VAL A 465 -12.88 -5.29 -8.60
N VAL A 466 -13.56 -6.42 -8.75
CA VAL A 466 -13.16 -7.69 -8.15
C VAL A 466 -12.82 -8.70 -9.21
N MET A 467 -11.65 -9.31 -9.03
CA MET A 467 -11.21 -10.48 -9.82
C MET A 467 -11.54 -11.75 -9.05
N ALA A 468 -12.56 -12.48 -9.52
CA ALA A 468 -13.00 -13.69 -8.85
C ALA A 468 -12.31 -14.85 -9.51
N GLU A 469 -11.21 -15.28 -8.88
CA GLU A 469 -10.28 -16.26 -9.42
C GLU A 469 -10.66 -17.70 -9.06
N ASP A 470 -10.83 -18.56 -10.06
CA ASP A 470 -11.14 -20.03 -9.83
C ASP A 470 -12.26 -20.25 -8.80
N THR A 471 -13.42 -19.69 -9.09
CA THR A 471 -14.50 -19.69 -8.11
C THR A 471 -14.91 -21.12 -7.73
N PRO A 472 -14.83 -22.07 -8.67
CA PRO A 472 -15.24 -23.42 -8.24
C PRO A 472 -14.33 -24.03 -7.16
N ASP A 473 -13.09 -23.56 -7.01
CA ASP A 473 -12.21 -24.10 -5.98
C ASP A 473 -12.10 -23.28 -4.71
N VAL A 474 -12.83 -22.16 -4.66
CA VAL A 474 -12.65 -21.19 -3.56
C VAL A 474 -12.96 -21.86 -2.23
N LYS A 475 -14.06 -22.61 -2.19
CA LYS A 475 -14.56 -23.18 -0.94
C LYS A 475 -13.59 -24.17 -0.34
N ALA A 476 -13.17 -25.12 -1.17
CA ALA A 476 -12.20 -26.19 -0.81
C ALA A 476 -10.85 -25.60 -0.37
N VAL A 477 -10.39 -24.57 -1.08
CA VAL A 477 -9.04 -24.02 -0.89
C VAL A 477 -8.98 -23.05 0.33
N ASN A 478 -10.09 -22.38 0.65
CA ASN A 478 -10.10 -21.37 1.68
C ASN A 478 -11.08 -21.72 2.81
N PRO A 479 -10.83 -22.81 3.57
CA PRO A 479 -11.74 -23.13 4.70
C PRO A 479 -11.77 -21.95 5.67
N VAL A 480 -12.96 -21.57 6.17
CA VAL A 480 -13.08 -20.41 7.00
C VAL A 480 -13.23 -20.79 8.48
N PRO A 481 -12.69 -19.94 9.39
CA PRO A 481 -12.87 -20.19 10.83
C PRO A 481 -14.25 -19.71 11.22
N GLN A 482 -14.74 -20.22 12.33
CA GLN A 482 -16.07 -19.88 12.80
C GLN A 482 -16.19 -18.38 13.12
N ALA A 483 -15.10 -17.82 13.63
CA ALA A 483 -15.05 -16.42 13.94
C ALA A 483 -15.35 -15.63 12.65
N TRP A 484 -14.88 -16.12 11.51
CA TRP A 484 -15.14 -15.40 10.22
C TRP A 484 -16.64 -15.45 9.84
N SER A 485 -17.23 -16.64 9.98
CA SER A 485 -18.67 -16.86 9.77
C SER A 485 -19.54 -15.98 10.68
N ASP A 486 -18.98 -15.59 11.82
CA ASP A 486 -19.68 -14.81 12.80
C ASP A 486 -19.67 -13.32 12.46
N LEU A 487 -18.75 -12.87 11.58
CA LEU A 487 -18.59 -11.43 11.37
C LEU A 487 -19.81 -10.73 10.82
N CYS A 488 -20.37 -11.28 9.77
CA CYS A 488 -21.47 -10.59 9.11
C CYS A 488 -22.73 -10.52 10.01
N PRO A 489 -23.11 -11.62 10.65
CA PRO A 489 -24.26 -11.47 11.57
C PRO A 489 -24.08 -10.38 12.60
N THR A 490 -22.92 -10.33 13.21
CA THR A 490 -22.64 -9.31 14.22
C THR A 490 -22.66 -7.91 13.65
N TYR A 491 -22.01 -7.75 12.49
CA TYR A 491 -21.97 -6.40 11.86
C TYR A 491 -23.39 -5.96 11.44
N ASP A 492 -24.11 -6.91 10.81
CA ASP A 492 -25.43 -6.62 10.29
C ASP A 492 -26.41 -6.33 11.44
N ALA A 493 -26.01 -6.67 12.67
CA ALA A 493 -26.87 -6.46 13.85
C ALA A 493 -26.64 -5.10 14.48
N LEU A 494 -25.63 -4.38 14.01
CA LEU A 494 -25.25 -3.14 14.63
C LEU A 494 -26.24 -2.06 14.27
N ASP A 495 -26.46 -1.12 15.17
CA ASP A 495 -27.12 0.11 14.79
C ASP A 495 -26.24 0.82 13.78
N PRO A 496 -26.83 1.47 12.77
CA PRO A 496 -25.97 2.19 11.80
C PRO A 496 -25.02 3.25 12.38
N ASN A 497 -25.37 3.88 13.49
CA ASN A 497 -24.48 4.81 14.21
C ASN A 497 -23.38 4.18 15.05
N ASP A 498 -23.46 2.87 15.28
CA ASP A 498 -22.36 2.14 15.88
C ASP A 498 -21.52 1.50 14.77
N GLN A 499 -21.79 1.78 13.50
CA GLN A 499 -20.96 1.18 12.45
C GLN A 499 -19.61 1.95 12.36
#